data_2QWV
#
_entry.id   2QWV
#
_cell.length_a   175.514
_cell.length_b   175.514
_cell.length_c   42.630
_cell.angle_alpha   90.00
_cell.angle_beta   90.00
_cell.angle_gamma   120.00
#
_symmetry.space_group_name_H-M   'H 3'
#
loop_
_entity.id
_entity.type
_entity.pdbx_description
1 polymer 'UPF0217 protein VC_A1059'
2 non-polymer 'ACETIC ACID'
3 water water
#
_entity_poly.entity_id   1
_entity_poly.type   'polypeptide(L)'
_entity_poly.pdbx_seq_one_letter_code
;SNA(MSE)RNT(MSE)RSFILRARSAPTDSQRLLDEIGGKCHTEILAHC(MSE)(MSE)NSLFTAQSHREDVVIHLVLES
TRDYSRTITVEANEISDVGGFHEAALIALLVKALDASVG(MSE)GKEQTRVVQPGLTVRTISFEALLGELAEHHSLY
(MSE)(MSE)DKKGDSIRDIKIGPNPCFILTDHIP(MSE)PKKSGNS(MSE)KRLGVEKISLGPK(MSE)LFASQCVTLI
HNEIDHQEAGW
;
_entity_poly.pdbx_strand_id   A,B
#
loop_
_chem_comp.id
_chem_comp.type
_chem_comp.name
_chem_comp.formula
ACY non-polymer 'ACETIC ACID' 'C2 H4 O2'
#
# COMPACT_ATOMS: atom_id res chain seq x y z
N THR A 7 -21.47 9.64 -0.40
CA THR A 7 -21.72 8.95 0.90
C THR A 7 -20.45 8.80 1.76
N MSE A 8 -20.65 8.42 3.02
CA MSE A 8 -19.55 8.22 3.95
C MSE A 8 -18.89 6.85 3.80
O MSE A 8 -19.55 5.85 3.56
CB MSE A 8 -20.10 8.38 5.37
CG MSE A 8 -20.05 9.81 5.88
SE MSE A 8 -18.23 10.24 6.46
CE MSE A 8 -18.07 8.91 7.91
N ARG A 9 -17.56 6.81 3.92
CA ARG A 9 -16.84 5.53 3.97
C ARG A 9 -16.05 5.46 5.24
N SER A 10 -16.13 4.31 5.91
CA SER A 10 -15.45 4.10 7.18
C SER A 10 -14.71 2.77 7.25
N PHE A 11 -13.68 2.73 8.11
CA PHE A 11 -12.90 1.53 8.39
C PHE A 11 -12.64 1.41 9.87
N ILE A 12 -12.56 0.17 10.34
CA ILE A 12 -12.12 -0.16 11.68
C ILE A 12 -10.95 -1.11 11.58
N LEU A 13 -9.88 -0.81 12.31
CA LEU A 13 -8.74 -1.71 12.40
C LEU A 13 -8.54 -2.20 13.81
N ARG A 14 -8.86 -3.47 14.04
CA ARG A 14 -8.59 -4.09 15.33
C ARG A 14 -7.11 -4.43 15.42
N ALA A 15 -6.35 -3.51 16.02
CA ALA A 15 -4.93 -3.68 16.18
C ALA A 15 -4.70 -4.30 17.54
N ARG A 16 -5.15 -5.54 17.66
CA ARG A 16 -4.88 -6.37 18.83
C ARG A 16 -3.36 -6.45 18.93
N SER A 17 -2.84 -6.27 20.14
CA SER A 17 -1.40 -6.29 20.38
C SER A 17 -0.70 -5.02 19.92
N ALA A 18 -1.46 -4.00 19.54
CA ALA A 18 -0.89 -2.67 19.38
C ALA A 18 -0.97 -1.95 20.73
N PRO A 19 0.19 -1.61 21.30
CA PRO A 19 0.35 -0.95 22.60
C PRO A 19 -0.42 0.35 22.74
N THR A 20 -0.99 0.60 23.92
CA THR A 20 -1.66 1.86 24.20
C THR A 20 -0.66 2.87 24.77
N ASP A 21 0.57 2.42 24.99
CA ASP A 21 1.65 3.26 25.46
C ASP A 21 2.34 3.90 24.25
N SER A 22 2.83 5.13 24.41
CA SER A 22 3.45 5.86 23.32
C SER A 22 4.82 5.31 22.95
N GLN A 23 5.65 5.03 23.95
CA GLN A 23 6.99 4.54 23.74
C GLN A 23 7.00 3.15 23.09
N ARG A 24 6.26 2.23 23.70
CA ARG A 24 6.19 0.84 23.27
C ARG A 24 5.68 0.73 21.84
N LEU A 25 4.88 1.71 21.41
CA LEU A 25 4.39 1.79 20.03
C LEU A 25 5.53 2.06 19.06
N LEU A 26 6.33 3.08 19.38
CA LEU A 26 7.50 3.43 18.58
C LEU A 26 8.49 2.27 18.49
N ASP A 27 8.66 1.55 19.60
CA ASP A 27 9.55 0.40 19.66
C ASP A 27 9.06 -0.78 18.80
N GLU A 28 7.75 -0.80 18.52
CA GLU A 28 7.16 -1.86 17.69
C GLU A 28 7.18 -1.57 16.18
N ILE A 29 7.78 -0.46 15.74
CA ILE A 29 7.93 -0.17 14.31
C ILE A 29 8.80 -1.25 13.69
N GLY A 30 8.16 -2.22 13.05
CA GLY A 30 8.83 -3.41 12.54
C GLY A 30 9.07 -4.45 13.60
N GLY A 31 8.36 -4.34 14.73
CA GLY A 31 8.51 -5.28 15.83
C GLY A 31 7.61 -6.49 15.70
N LYS A 32 7.55 -7.29 16.76
CA LYS A 32 6.71 -8.48 16.84
C LYS A 32 5.27 -8.16 16.43
N CYS A 33 4.72 -7.09 17.00
CA CYS A 33 3.51 -6.48 16.48
C CYS A 33 4.00 -5.41 15.52
N HIS A 34 3.54 -5.45 14.28
CA HIS A 34 4.01 -4.55 13.24
C HIS A 34 3.24 -3.23 13.22
N THR A 35 3.72 -2.29 14.03
CA THR A 35 3.12 -0.97 14.21
C THR A 35 3.07 -0.11 12.93
N GLU A 36 3.93 -0.45 11.97
CA GLU A 36 4.01 0.24 10.69
C GLU A 36 2.70 0.18 9.94
N ILE A 37 1.94 -0.89 10.15
CA ILE A 37 0.71 -1.13 9.40
C ILE A 37 -0.43 -0.20 9.80
N LEU A 38 -0.30 0.45 10.95
CA LEU A 38 -1.24 1.46 11.39
C LEU A 38 -1.08 2.68 10.50
N ALA A 39 0.15 3.13 10.35
CA ALA A 39 0.42 4.24 9.46
C ALA A 39 -0.03 3.92 8.03
N HIS A 40 0.27 2.73 7.54
CA HIS A 40 -0.09 2.38 6.16
C HIS A 40 -1.59 2.34 5.95
N CYS A 41 -2.31 1.87 6.97
CA CYS A 41 -3.75 1.87 6.91
C CYS A 41 -4.31 3.27 6.82
N MSE A 42 -3.73 4.19 7.60
CA MSE A 42 -4.10 5.60 7.58
C MSE A 42 -3.82 6.26 6.24
O MSE A 42 -4.66 6.98 5.72
CB MSE A 42 -3.39 6.37 8.71
CG MSE A 42 -3.76 5.94 10.13
SE MSE A 42 -2.49 6.54 11.49
CE MSE A 42 -2.88 8.47 11.45
N MSE A 43 -2.63 6.01 5.69
CA MSE A 43 -2.21 6.60 4.44
C MSE A 43 -3.13 6.19 3.28
O MSE A 43 -3.48 7.00 2.43
CB MSE A 43 -0.76 6.22 4.16
CG MSE A 43 -0.15 6.80 2.88
SE MSE A 43 1.48 5.83 2.23
CE MSE A 43 0.63 4.33 1.34
N ASN A 44 -3.51 4.91 3.26
CA ASN A 44 -4.35 4.36 2.19
C ASN A 44 -5.82 4.70 2.32
N SER A 45 -6.30 4.85 3.55
CA SER A 45 -7.67 5.21 3.77
C SER A 45 -7.93 6.71 3.60
N LEU A 46 -6.91 7.54 3.85
CA LEU A 46 -7.10 8.98 3.87
C LEU A 46 -6.57 9.73 2.64
N PHE A 47 -5.54 9.21 2.00
CA PHE A 47 -4.80 9.95 0.99
C PHE A 47 -4.88 9.29 -0.38
N THR A 48 -5.02 10.11 -1.42
CA THR A 48 -4.72 9.66 -2.76
C THR A 48 -3.47 10.43 -3.21
N ALA A 49 -3.12 10.34 -4.48
CA ALA A 49 -1.96 11.09 -4.96
C ALA A 49 -2.27 12.57 -5.12
N GLN A 50 -3.50 12.89 -5.51
CA GLN A 50 -3.90 14.27 -5.77
C GLN A 50 -4.05 15.04 -4.45
N SER A 51 -4.70 14.43 -3.45
CA SER A 51 -5.01 15.08 -2.18
C SER A 51 -5.64 14.10 -1.21
N HIS A 52 -6.14 14.61 -0.09
CA HIS A 52 -6.83 13.77 0.88
C HIS A 52 -8.20 13.42 0.33
N ARG A 53 -8.80 12.35 0.84
CA ARG A 53 -10.14 11.94 0.43
C ARG A 53 -11.19 12.71 1.19
N GLU A 54 -12.37 12.86 0.59
CA GLU A 54 -13.48 13.50 1.26
C GLU A 54 -14.25 12.40 1.95
N ASP A 55 -14.82 12.73 3.10
CA ASP A 55 -15.84 11.88 3.73
C ASP A 55 -15.34 10.47 4.07
N VAL A 56 -14.21 10.40 4.75
CA VAL A 56 -13.62 9.12 5.10
C VAL A 56 -13.26 9.20 6.55
N VAL A 57 -13.53 8.13 7.29
CA VAL A 57 -13.22 8.04 8.70
C VAL A 57 -12.48 6.74 8.95
N ILE A 58 -11.42 6.77 9.72
CA ILE A 58 -10.81 5.51 10.18
C ILE A 58 -10.73 5.43 11.72
N HIS A 59 -11.20 4.32 12.27
CA HIS A 59 -11.12 4.05 13.69
C HIS A 59 -10.01 3.04 13.89
N LEU A 60 -9.02 3.40 14.71
CA LEU A 60 -7.94 2.46 15.02
C LEU A 60 -8.11 1.99 16.47
N VAL A 61 -8.36 0.70 16.68
CA VAL A 61 -8.53 0.19 18.04
C VAL A 61 -7.28 -0.49 18.57
N LEU A 62 -6.59 0.21 19.45
CA LEU A 62 -5.34 -0.27 20.04
C LEU A 62 -5.65 -1.02 21.33
N GLU A 63 -5.17 -2.26 21.43
CA GLU A 63 -5.71 -3.18 22.44
C GLU A 63 -4.75 -3.67 23.51
N SER A 64 -3.46 -3.67 23.20
CA SER A 64 -2.41 -4.10 24.14
C SER A 64 -2.26 -3.13 25.32
N THR A 65 -3.19 -3.23 26.27
CA THR A 65 -3.40 -2.21 27.30
C THR A 65 -3.15 -2.67 28.74
N ARG A 66 -2.82 -1.71 29.60
CA ARG A 66 -2.80 -1.95 31.05
C ARG A 66 -4.24 -2.09 31.53
N ASP A 67 -5.14 -1.30 30.95
CA ASP A 67 -6.50 -1.26 31.44
C ASP A 67 -7.55 -1.23 30.33
N TYR A 68 -7.79 -0.07 29.74
CA TYR A 68 -8.78 0.04 28.68
C TYR A 68 -8.05 0.30 27.39
N SER A 69 -8.56 -0.25 26.30
CA SER A 69 -7.99 -0.01 24.98
C SER A 69 -8.29 1.43 24.52
N ARG A 70 -7.48 1.94 23.59
CA ARG A 70 -7.71 3.29 23.06
C ARG A 70 -8.21 3.19 21.63
N THR A 71 -9.30 3.87 21.32
CA THR A 71 -9.77 3.97 19.94
C THR A 71 -9.46 5.35 19.38
N ILE A 72 -8.62 5.40 18.34
CA ILE A 72 -8.28 6.68 17.72
C ILE A 72 -9.03 6.86 16.39
N THR A 73 -10.02 7.74 16.40
CA THR A 73 -10.77 8.06 15.20
C THR A 73 -10.12 9.25 14.50
N VAL A 74 -9.82 9.07 13.23
CA VAL A 74 -9.29 10.10 12.34
C VAL A 74 -10.33 10.36 11.25
N GLU A 75 -10.65 11.65 11.05
CA GLU A 75 -11.67 12.06 10.04
C GLU A 75 -11.04 12.90 8.90
N ALA A 76 -10.99 12.32 7.71
CA ALA A 76 -10.29 12.93 6.57
C ALA A 76 -10.64 14.40 6.36
N ASN A 77 -11.92 14.74 6.53
CA ASN A 77 -12.38 16.11 6.32
C ASN A 77 -11.64 17.12 7.20
N GLU A 78 -11.39 16.73 8.46
CA GLU A 78 -10.82 17.61 9.50
C GLU A 78 -9.29 17.58 9.64
N ILE A 79 -8.71 16.40 9.83
CA ILE A 79 -7.25 16.28 9.97
C ILE A 79 -6.51 16.81 8.75
N GLY A 84 2.06 14.75 5.80
CA GLY A 84 3.32 14.20 5.32
C GLY A 84 3.19 12.82 4.70
N PHE A 85 2.15 12.09 5.10
CA PHE A 85 1.83 10.69 4.65
C PHE A 85 2.86 9.57 4.87
N HIS A 86 4.10 9.92 5.19
CA HIS A 86 5.10 8.91 5.51
C HIS A 86 4.89 8.36 6.93
N GLU A 87 5.40 7.14 7.15
CA GLU A 87 5.19 6.37 8.37
C GLU A 87 5.36 7.20 9.65
N ALA A 88 6.47 7.94 9.77
CA ALA A 88 6.75 8.77 10.96
C ALA A 88 5.75 9.91 11.22
N ALA A 89 5.18 10.49 10.16
CA ALA A 89 4.21 11.59 10.33
C ALA A 89 2.89 11.09 10.92
N LEU A 90 2.32 10.05 10.31
CA LEU A 90 1.07 9.43 10.76
C LEU A 90 1.21 8.68 12.08
N ILE A 91 2.39 8.08 12.29
CA ILE A 91 2.74 7.47 13.58
C ILE A 91 2.81 8.56 14.65
N ALA A 92 3.36 9.73 14.32
CA ALA A 92 3.43 10.87 15.27
C ALA A 92 2.03 11.32 15.68
N LEU A 93 1.08 11.26 14.74
CA LEU A 93 -0.32 11.59 15.03
C LEU A 93 -0.87 10.69 16.13
N LEU A 94 -0.50 9.42 16.03
CA LEU A 94 -0.96 8.43 16.96
C LEU A 94 -0.33 8.67 18.33
N VAL A 95 0.96 8.99 18.36
CA VAL A 95 1.65 9.19 19.64
C VAL A 95 1.06 10.38 20.38
N LYS A 96 0.70 11.41 19.62
CA LYS A 96 0.05 12.58 20.16
C LYS A 96 -1.28 12.16 20.75
N ALA A 97 -2.00 11.27 20.07
CA ALA A 97 -3.31 10.81 20.51
C ALA A 97 -3.24 9.98 21.78
N LEU A 98 -2.28 9.06 21.85
CA LEU A 98 -2.14 8.21 23.03
C LEU A 98 -1.74 9.02 24.26
N ASP A 99 -0.94 10.06 24.03
CA ASP A 99 -0.50 10.95 25.09
C ASP A 99 -1.63 11.80 25.62
N ALA A 100 -2.61 12.08 24.76
CA ALA A 100 -3.82 12.78 25.17
C ALA A 100 -4.70 11.87 26.03
N SER A 101 -4.47 10.57 25.89
CA SER A 101 -5.30 9.56 26.54
C SER A 101 -4.82 9.14 27.93
N VAL A 102 -3.63 9.55 28.34
CA VAL A 102 -3.11 9.09 29.63
C VAL A 102 -3.99 9.60 30.77
N GLY A 103 -4.52 8.66 31.56
CA GLY A 103 -5.26 9.02 32.76
C GLY A 103 -6.76 8.87 32.60
N MSE A 104 -7.18 8.57 31.37
CA MSE A 104 -8.60 8.46 31.01
C MSE A 104 -9.30 7.38 31.81
O MSE A 104 -8.68 6.38 32.17
CB MSE A 104 -8.76 8.14 29.52
CG MSE A 104 -8.43 9.29 28.60
SE MSE A 104 -8.89 8.94 26.74
CE MSE A 104 -10.82 9.21 26.91
N GLY A 105 -10.60 7.59 32.07
CA GLY A 105 -11.47 6.53 32.61
C GLY A 105 -12.14 5.68 31.53
N LYS A 106 -12.87 4.65 31.97
CA LYS A 106 -13.64 3.77 31.10
C LYS A 106 -14.73 4.54 30.36
N GLU A 107 -14.89 4.29 29.07
CA GLU A 107 -15.96 4.93 28.29
C GLU A 107 -15.79 6.47 28.18
N GLN A 108 -14.55 6.94 28.06
CA GLN A 108 -14.29 8.37 27.97
C GLN A 108 -13.98 8.80 26.56
N THR A 109 -14.17 10.09 26.29
CA THR A 109 -13.86 10.66 24.99
C THR A 109 -12.98 11.89 25.19
N ARG A 110 -11.90 12.02 24.40
CA ARG A 110 -11.02 13.17 24.49
C ARG A 110 -10.59 13.63 23.09
N VAL A 111 -10.84 14.91 22.80
CA VAL A 111 -10.51 15.49 21.49
C VAL A 111 -9.02 15.81 21.41
N VAL A 112 -8.29 15.18 20.50
CA VAL A 112 -6.86 15.51 20.42
C VAL A 112 -6.62 16.78 19.57
N GLN A 113 -7.26 16.86 18.41
CA GLN A 113 -7.24 18.04 17.54
C GLN A 113 -8.47 17.95 16.60
N PRO A 114 -8.78 19.02 15.83
CA PRO A 114 -9.82 18.84 14.82
C PRO A 114 -9.66 17.54 14.01
N GLY A 115 -10.66 16.65 14.13
CA GLY A 115 -10.69 15.40 13.38
C GLY A 115 -9.69 14.38 13.89
N LEU A 116 -9.43 14.42 15.20
CA LEU A 116 -8.65 13.38 15.87
C LEU A 116 -9.27 13.23 17.24
N THR A 117 -9.58 11.99 17.62
CA THR A 117 -10.29 11.70 18.84
C THR A 117 -9.76 10.40 19.42
N VAL A 118 -9.65 10.33 20.74
CA VAL A 118 -9.26 9.10 21.44
C VAL A 118 -10.36 8.70 22.42
N ARG A 119 -10.70 7.41 22.45
CA ARG A 119 -11.79 6.91 23.28
C ARG A 119 -11.41 5.60 23.96
N THR A 120 -11.86 5.43 25.20
CA THR A 120 -11.59 4.23 25.97
C THR A 120 -12.78 3.28 25.89
N ILE A 121 -13.25 3.10 24.66
CA ILE A 121 -14.35 2.21 24.31
C ILE A 121 -13.77 0.94 23.68
N SER A 122 -14.45 -0.18 23.91
CA SER A 122 -14.04 -1.53 23.44
C SER A 122 -14.22 -1.72 21.95
N PHE A 123 -13.67 -2.80 21.39
CA PHE A 123 -13.93 -3.12 19.99
C PHE A 123 -15.43 -3.34 19.75
N GLU A 124 -16.04 -4.27 20.48
CA GLU A 124 -17.45 -4.60 20.31
C GLU A 124 -18.36 -3.45 20.68
N ALA A 125 -17.94 -2.66 21.65
CA ALA A 125 -18.72 -1.50 22.02
C ALA A 125 -18.79 -0.57 20.79
N LEU A 126 -17.69 -0.46 20.07
CA LEU A 126 -17.66 0.44 18.93
C LEU A 126 -18.50 -0.12 17.77
N LEU A 127 -18.40 -1.44 17.58
CA LEU A 127 -19.20 -2.11 16.58
C LEU A 127 -20.67 -1.86 16.79
N GLY A 128 -21.12 -2.11 18.02
CA GLY A 128 -22.52 -1.90 18.43
C GLY A 128 -23.04 -0.54 18.02
N GLU A 129 -22.28 0.51 18.34
CA GLU A 129 -22.62 1.86 17.94
C GLU A 129 -22.75 1.95 16.41
N LEU A 130 -21.68 1.59 15.71
CA LEU A 130 -21.60 1.72 14.26
C LEU A 130 -22.67 0.92 13.52
N ALA A 131 -23.04 -0.23 14.10
CA ALA A 131 -24.07 -1.12 13.54
C ALA A 131 -25.44 -0.46 13.35
N GLU A 132 -25.71 0.59 14.11
CA GLU A 132 -26.96 1.33 14.04
C GLU A 132 -27.24 1.94 12.66
N HIS A 133 -26.21 2.49 12.01
CA HIS A 133 -26.41 3.24 10.77
C HIS A 133 -25.52 2.82 9.61
N HIS A 134 -24.41 2.16 9.94
CA HIS A 134 -23.47 1.77 8.91
C HIS A 134 -23.77 0.36 8.35
N SER A 135 -23.40 0.14 7.09
CA SER A 135 -23.44 -1.20 6.53
C SER A 135 -22.16 -1.86 6.97
N LEU A 136 -22.26 -2.92 7.74
CA LEU A 136 -21.07 -3.57 8.27
C LEU A 136 -20.59 -4.66 7.34
N TYR A 137 -19.26 -4.70 7.17
CA TYR A 137 -18.56 -5.64 6.31
C TYR A 137 -17.28 -6.22 6.92
N MSE A 138 -16.98 -7.45 6.53
CA MSE A 138 -15.93 -8.26 7.13
C MSE A 138 -15.14 -9.04 6.07
O MSE A 138 -15.71 -9.61 5.12
CB MSE A 138 -16.60 -9.27 8.04
CG MSE A 138 -15.92 -9.47 9.35
SE MSE A 138 -16.60 -11.15 10.09
CE MSE A 138 -18.53 -11.01 9.73
N MSE A 139 -13.83 -9.12 6.27
CA MSE A 139 -12.93 -9.83 5.36
C MSE A 139 -13.00 -11.31 5.63
O MSE A 139 -12.71 -11.75 6.73
CB MSE A 139 -11.49 -9.35 5.52
CG MSE A 139 -11.28 -7.85 5.33
SE MSE A 139 -12.09 -7.14 3.69
CE MSE A 139 -13.68 -6.23 4.42
N ASP A 140 -13.38 -12.08 4.62
CA ASP A 140 -13.49 -13.52 4.77
C ASP A 140 -13.26 -14.16 3.41
N LYS A 141 -12.22 -14.99 3.32
CA LYS A 141 -11.84 -15.61 2.05
C LYS A 141 -12.97 -16.44 1.43
N LYS A 142 -13.96 -16.78 2.25
CA LYS A 142 -15.16 -17.50 1.83
C LYS A 142 -16.35 -16.55 1.53
N GLY A 143 -16.17 -15.26 1.78
CA GLY A 143 -17.24 -14.27 1.55
C GLY A 143 -17.51 -14.01 0.08
N ASP A 144 -18.60 -13.31 -0.20
CA ASP A 144 -18.88 -12.89 -1.56
C ASP A 144 -17.75 -12.03 -2.07
N SER A 145 -17.51 -12.08 -3.38
CA SER A 145 -16.56 -11.15 -3.98
C SER A 145 -17.16 -9.76 -3.94
N ILE A 146 -16.37 -8.81 -3.45
CA ILE A 146 -16.81 -7.42 -3.36
C ILE A 146 -17.28 -6.88 -4.71
N ARG A 147 -16.73 -7.45 -5.78
CA ARG A 147 -17.05 -7.02 -7.13
C ARG A 147 -18.48 -7.35 -7.52
N ASP A 148 -19.02 -8.42 -6.93
CA ASP A 148 -20.37 -8.88 -7.24
C ASP A 148 -21.48 -8.26 -6.42
N ILE A 149 -21.16 -7.72 -5.26
CA ILE A 149 -22.19 -7.09 -4.43
C ILE A 149 -22.23 -5.58 -4.71
N LYS A 150 -23.39 -4.99 -4.46
CA LYS A 150 -23.52 -3.53 -4.48
C LYS A 150 -23.31 -2.99 -3.07
N ILE A 151 -22.18 -2.31 -2.88
CA ILE A 151 -21.83 -1.76 -1.57
C ILE A 151 -23.01 -0.93 -1.04
N GLY A 152 -23.42 -1.23 0.18
CA GLY A 152 -24.54 -0.56 0.83
C GLY A 152 -24.21 0.88 1.18
N PRO A 153 -25.23 1.65 1.60
CA PRO A 153 -25.01 3.05 1.93
C PRO A 153 -24.22 3.11 3.22
N ASN A 154 -23.41 4.17 3.34
CA ASN A 154 -22.59 4.38 4.52
C ASN A 154 -21.90 3.11 5.06
N PRO A 155 -20.93 2.55 4.30
CA PRO A 155 -20.26 1.31 4.65
C PRO A 155 -19.09 1.42 5.63
N CYS A 156 -18.96 0.40 6.47
CA CYS A 156 -17.87 0.30 7.41
C CYS A 156 -17.19 -1.06 7.29
N PHE A 157 -15.88 -1.04 7.12
CA PHE A 157 -15.14 -2.26 6.83
C PHE A 157 -14.23 -2.67 7.98
N ILE A 158 -14.52 -3.81 8.59
CA ILE A 158 -13.74 -4.31 9.71
C ILE A 158 -12.47 -4.96 9.19
N LEU A 159 -11.33 -4.59 9.78
CA LEU A 159 -10.05 -5.14 9.33
C LEU A 159 -9.22 -5.64 10.53
N THR A 160 -8.81 -6.90 10.49
CA THR A 160 -8.03 -7.50 11.58
C THR A 160 -6.53 -7.35 11.32
N ASP A 161 -5.72 -7.75 12.30
CA ASP A 161 -4.26 -7.85 12.15
C ASP A 161 -3.91 -9.19 11.53
N SER A 172 -21.81 -13.88 17.20
CA SER A 172 -21.65 -12.52 17.70
C SER A 172 -21.60 -11.53 16.54
N MSE A 173 -20.62 -11.74 15.66
CA MSE A 173 -20.50 -10.97 14.41
C MSE A 173 -21.77 -11.10 13.54
O MSE A 173 -22.22 -10.13 12.96
CB MSE A 173 -19.29 -11.45 13.62
CG MSE A 173 -17.96 -11.08 14.22
SE MSE A 173 -17.62 -9.16 14.13
CE MSE A 173 -15.68 -9.18 13.78
N LYS A 174 -22.30 -12.33 13.46
CA LYS A 174 -23.56 -12.59 12.76
C LYS A 174 -24.76 -11.89 13.41
N ARG A 175 -24.78 -11.84 14.74
CA ARG A 175 -25.85 -11.15 15.49
C ARG A 175 -25.89 -9.65 15.18
N LEU A 176 -24.72 -9.03 15.04
CA LEU A 176 -24.62 -7.61 14.72
C LEU A 176 -24.98 -7.33 13.26
N GLY A 177 -25.07 -8.40 12.47
CA GLY A 177 -25.51 -8.30 11.07
C GLY A 177 -24.43 -8.01 10.05
N VAL A 178 -23.17 -8.08 10.46
CA VAL A 178 -22.05 -7.86 9.54
C VAL A 178 -21.93 -8.98 8.53
N GLU A 179 -21.77 -8.61 7.26
CA GLU A 179 -21.72 -9.60 6.16
C GLU A 179 -20.35 -9.73 5.49
N LYS A 180 -20.01 -10.97 5.15
CA LYS A 180 -18.65 -11.34 4.78
C LYS A 180 -18.36 -11.03 3.33
N ILE A 181 -17.16 -10.50 3.06
CA ILE A 181 -16.68 -10.32 1.69
C ILE A 181 -15.22 -10.72 1.50
N SER A 182 -14.89 -11.06 0.26
CA SER A 182 -13.53 -11.40 -0.14
C SER A 182 -13.10 -10.46 -1.24
N LEU A 183 -11.89 -9.92 -1.11
CA LEU A 183 -11.31 -9.04 -2.12
C LEU A 183 -10.54 -9.81 -3.16
N GLY A 184 -10.48 -11.13 -3.02
CA GLY A 184 -9.67 -11.93 -3.92
C GLY A 184 -9.06 -13.18 -3.30
N PRO A 185 -8.33 -13.94 -4.10
CA PRO A 185 -7.82 -15.25 -3.69
C PRO A 185 -6.73 -15.19 -2.62
N LYS A 186 -6.09 -14.03 -2.47
CA LYS A 186 -4.91 -13.97 -1.60
C LYS A 186 -5.08 -13.25 -0.27
N MSE A 187 -4.16 -13.51 0.63
CA MSE A 187 -4.17 -12.93 1.95
C MSE A 187 -3.41 -11.61 1.97
O MSE A 187 -2.19 -11.60 1.85
CB MSE A 187 -3.59 -13.90 2.97
CG MSE A 187 -4.53 -15.08 3.27
SE MSE A 187 -6.19 -14.55 4.26
CE MSE A 187 -5.37 -13.54 5.76
N LEU A 188 -4.13 -10.51 2.14
CA LEU A 188 -3.52 -9.19 2.10
C LEU A 188 -3.27 -8.55 3.48
N PHE A 189 -2.30 -7.64 3.54
CA PHE A 189 -2.16 -6.73 4.65
C PHE A 189 -3.43 -5.92 4.79
N ALA A 190 -3.81 -5.60 6.02
CA ALA A 190 -4.94 -4.72 6.25
C ALA A 190 -4.86 -3.50 5.35
N SER A 191 -3.68 -2.92 5.23
CA SER A 191 -3.50 -1.71 4.45
C SER A 191 -3.76 -1.93 2.97
N GLN A 192 -3.47 -3.13 2.48
CA GLN A 192 -3.74 -3.45 1.09
C GLN A 192 -5.24 -3.56 0.89
N CYS A 193 -5.94 -4.11 1.88
CA CYS A 193 -7.39 -4.21 1.83
C CYS A 193 -8.05 -2.86 1.76
N VAL A 194 -7.49 -1.84 2.39
CA VAL A 194 -8.10 -0.52 2.30
C VAL A 194 -8.04 -0.03 0.85
N THR A 195 -6.89 -0.18 0.21
CA THR A 195 -6.75 0.24 -1.18
C THR A 195 -7.80 -0.36 -2.11
N LEU A 196 -8.05 -1.66 -1.96
CA LEU A 196 -8.92 -2.41 -2.85
C LEU A 196 -10.37 -2.10 -2.56
N ILE A 197 -10.68 -1.82 -1.27
CA ILE A 197 -12.02 -1.41 -0.86
C ILE A 197 -12.35 -0.02 -1.44
N HIS A 198 -11.51 0.97 -1.20
CA HIS A 198 -11.70 2.28 -1.86
C HIS A 198 -11.88 2.18 -3.38
N ASN A 199 -11.05 1.36 -4.02
CA ASN A 199 -11.08 1.29 -5.48
C ASN A 199 -12.36 0.67 -6.00
N GLU A 200 -12.92 -0.28 -5.25
CA GLU A 200 -14.18 -0.86 -5.63
C GLU A 200 -15.33 0.11 -5.47
N ILE A 201 -15.39 0.85 -4.36
CA ILE A 201 -16.43 1.89 -4.22
C ILE A 201 -16.28 2.93 -5.32
N ASP A 202 -15.04 3.32 -5.60
CA ASP A 202 -14.74 4.30 -6.66
C ASP A 202 -15.34 3.88 -7.99
N HIS A 203 -15.17 2.60 -8.34
CA HIS A 203 -15.72 1.99 -9.55
C HIS A 203 -17.24 2.00 -9.55
N GLN A 204 -17.86 1.48 -8.49
CA GLN A 204 -19.32 1.35 -8.44
C GLN A 204 -20.03 2.69 -8.51
N GLU A 205 -19.37 3.73 -7.99
CA GLU A 205 -19.97 5.06 -7.97
C GLU A 205 -19.82 5.87 -9.26
N ALA A 206 -18.76 5.60 -10.01
CA ALA A 206 -18.55 6.27 -11.29
C ALA A 206 -19.24 5.52 -12.43
N GLY A 207 -19.83 4.38 -12.08
CA GLY A 207 -20.55 3.54 -13.05
C GLY A 207 -19.65 2.75 -14.01
N TRP A 208 -18.37 2.59 -13.65
CA TRP A 208 -17.51 1.67 -14.38
C TRP A 208 -18.07 0.24 -14.25
N SER B 1 -7.81 -17.06 -27.38
CA SER B 1 -6.73 -16.95 -26.35
C SER B 1 -6.43 -18.34 -25.74
N ASN B 2 -5.17 -18.54 -25.30
CA ASN B 2 -4.75 -19.75 -24.56
C ASN B 2 -5.10 -19.71 -23.07
N ALA B 3 -5.19 -20.90 -22.47
CA ALA B 3 -5.29 -21.03 -21.03
C ALA B 3 -3.89 -20.91 -20.40
N MSE B 4 -3.62 -19.70 -19.89
CA MSE B 4 -2.33 -19.29 -19.33
C MSE B 4 -1.97 -20.04 -18.07
O MSE B 4 -2.82 -20.39 -17.27
CB MSE B 4 -2.36 -17.79 -19.03
CG MSE B 4 -2.56 -16.91 -20.27
SE MSE B 4 -1.46 -17.48 -21.83
CE MSE B 4 0.30 -17.56 -20.99
N ARG B 5 -0.69 -20.32 -17.92
CA ARG B 5 -0.13 -20.75 -16.64
C ARG B 5 0.39 -19.48 -15.96
N ASN B 6 0.67 -19.58 -14.67
CA ASN B 6 1.13 -18.42 -13.90
C ASN B 6 2.51 -17.96 -14.35
N THR B 7 2.64 -16.66 -14.60
CA THR B 7 3.90 -16.12 -15.07
C THR B 7 4.46 -14.99 -14.20
N MSE B 8 5.74 -14.72 -14.38
CA MSE B 8 6.46 -13.63 -13.72
C MSE B 8 5.71 -12.31 -13.86
O MSE B 8 5.22 -11.99 -14.92
CB MSE B 8 7.87 -13.52 -14.35
CG MSE B 8 8.85 -12.57 -13.61
SE MSE B 8 9.62 -13.28 -11.90
CE MSE B 8 10.97 -14.54 -12.65
N ARG B 9 5.60 -11.59 -12.76
CA ARG B 9 5.10 -10.23 -12.77
C ARG B 9 6.24 -9.27 -12.45
N SER B 10 6.37 -8.22 -13.25
CA SER B 10 7.40 -7.24 -13.01
C SER B 10 6.81 -5.86 -12.89
N PHE B 11 7.54 -4.98 -12.20
CA PHE B 11 7.20 -3.57 -12.05
C PHE B 11 8.45 -2.71 -12.29
N ILE B 12 8.25 -1.51 -12.82
CA ILE B 12 9.34 -0.55 -12.96
C ILE B 12 8.89 0.76 -12.35
N LEU B 13 9.57 1.17 -11.29
CA LEU B 13 9.34 2.48 -10.72
C LEU B 13 10.36 3.46 -11.24
N ARG B 14 9.88 4.40 -12.03
CA ARG B 14 10.73 5.47 -12.54
C ARG B 14 10.69 6.59 -11.51
N ALA B 15 11.68 6.59 -10.63
CA ALA B 15 11.83 7.60 -9.59
C ALA B 15 12.80 8.71 -10.02
N ARG B 16 12.27 9.66 -10.78
CA ARG B 16 13.05 10.72 -11.44
C ARG B 16 13.53 11.80 -10.47
N SER B 17 12.73 12.08 -9.44
CA SER B 17 13.12 12.99 -8.36
C SER B 17 14.05 12.32 -7.32
N ALA B 18 14.29 11.02 -7.47
CA ALA B 18 15.02 10.26 -6.45
C ALA B 18 16.54 10.33 -6.57
N PRO B 19 17.21 10.81 -5.51
CA PRO B 19 18.68 10.85 -5.43
C PRO B 19 19.32 9.48 -5.62
N THR B 20 20.38 9.41 -6.42
CA THR B 20 21.21 8.21 -6.51
C THR B 20 22.26 8.20 -5.40
N ASP B 21 22.31 9.30 -4.63
CA ASP B 21 23.24 9.44 -3.52
C ASP B 21 22.61 8.86 -2.25
N SER B 22 23.25 7.82 -1.72
CA SER B 22 22.75 7.08 -0.56
C SER B 22 22.17 7.94 0.59
N GLN B 23 22.87 9.00 0.98
CA GLN B 23 22.46 9.86 2.12
C GLN B 23 21.33 10.82 1.76
N ARG B 24 21.43 11.45 0.59
CA ARG B 24 20.38 12.31 0.06
C ARG B 24 19.07 11.53 -0.17
N LEU B 25 19.17 10.20 -0.16
CA LEU B 25 17.99 9.34 -0.23
C LEU B 25 17.26 9.29 1.11
N LEU B 26 17.97 8.92 2.18
CA LEU B 26 17.38 8.88 3.51
C LEU B 26 16.88 10.28 3.94
N ASP B 27 17.48 11.32 3.39
CA ASP B 27 17.09 12.71 3.65
C ASP B 27 15.71 13.06 3.10
N GLU B 28 15.36 12.46 1.97
CA GLU B 28 14.10 12.77 1.27
C GLU B 28 12.86 12.00 1.76
N ILE B 29 13.03 11.20 2.81
CA ILE B 29 11.88 10.57 3.47
C ILE B 29 11.04 11.69 4.07
N GLY B 30 9.82 11.84 3.56
CA GLY B 30 8.95 12.93 3.97
C GLY B 30 9.30 14.29 3.36
N GLY B 31 10.39 14.34 2.57
CA GLY B 31 10.82 15.56 1.87
C GLY B 31 10.21 15.71 0.50
N LYS B 32 10.47 16.82 -0.17
CA LYS B 32 9.85 17.13 -1.47
C LYS B 32 9.96 16.00 -2.53
N CYS B 33 11.05 15.22 -2.47
CA CYS B 33 11.25 14.09 -3.39
C CYS B 33 10.46 12.84 -2.97
N HIS B 34 9.92 12.86 -1.75
CA HIS B 34 9.05 11.82 -1.22
C HIS B 34 9.57 10.40 -1.46
N THR B 35 10.60 10.07 -0.72
CA THR B 35 11.39 8.87 -0.91
C THR B 35 10.74 7.62 -0.30
N GLU B 36 9.70 7.82 0.52
CA GLU B 36 8.93 6.72 1.15
C GLU B 36 8.23 5.85 0.10
N ILE B 37 7.76 6.46 -0.98
CA ILE B 37 7.03 5.75 -2.02
C ILE B 37 7.80 4.54 -2.58
N LEU B 38 9.14 4.62 -2.66
CA LEU B 38 9.97 3.47 -3.10
C LEU B 38 9.78 2.29 -2.16
N ALA B 39 9.82 2.56 -0.87
CA ALA B 39 9.70 1.50 0.11
C ALA B 39 8.30 0.89 0.09
N HIS B 40 7.27 1.74 0.02
CA HIS B 40 5.91 1.22 -0.05
C HIS B 40 5.72 0.36 -1.32
N CYS B 41 6.27 0.82 -2.44
CA CYS B 41 6.18 0.08 -3.69
C CYS B 41 6.83 -1.28 -3.56
N MSE B 42 7.92 -1.36 -2.83
CA MSE B 42 8.61 -2.62 -2.63
C MSE B 42 7.78 -3.56 -1.77
O MSE B 42 7.75 -4.75 -2.00
CB MSE B 42 9.97 -2.38 -1.97
CG MSE B 42 10.94 -1.64 -2.88
SE MSE B 42 12.59 -0.99 -1.96
CE MSE B 42 13.44 -2.72 -1.53
N MSE B 43 7.12 -2.98 -0.78
CA MSE B 43 6.32 -3.72 0.17
C MSE B 43 5.17 -4.34 -0.57
O MSE B 43 5.01 -5.55 -0.57
CB MSE B 43 5.78 -2.77 1.26
CG MSE B 43 4.86 -3.41 2.29
SE MSE B 43 3.87 -2.06 3.40
CE MSE B 43 3.01 -0.95 2.01
N ASN B 44 4.41 -3.48 -1.25
CA ASN B 44 3.22 -3.89 -1.95
C ASN B 44 3.50 -4.85 -3.10
N SER B 45 4.65 -4.69 -3.73
CA SER B 45 4.95 -5.56 -4.86
C SER B 45 5.48 -6.95 -4.51
N LEU B 46 5.97 -7.15 -3.30
CA LEU B 46 6.60 -8.44 -2.96
C LEU B 46 5.98 -9.16 -1.80
N PHE B 47 5.17 -8.47 -1.01
CA PHE B 47 4.59 -9.04 0.20
C PHE B 47 3.06 -9.11 0.25
N THR B 48 2.56 -10.29 0.66
CA THR B 48 1.19 -10.43 1.13
C THR B 48 1.19 -10.69 2.65
N ALA B 49 0.04 -10.92 3.26
CA ALA B 49 -0.02 -11.20 4.70
C ALA B 49 0.78 -12.46 5.08
N GLN B 50 0.41 -13.60 4.50
CA GLN B 50 1.06 -14.89 4.76
C GLN B 50 2.52 -14.94 4.31
N SER B 51 2.77 -14.66 3.03
CA SER B 51 4.06 -14.95 2.44
C SER B 51 4.69 -13.74 1.79
N HIS B 52 5.79 -14.01 1.09
CA HIS B 52 6.25 -13.15 0.03
C HIS B 52 5.64 -13.77 -1.23
N ARG B 53 5.42 -12.96 -2.27
CA ARG B 53 4.90 -13.45 -3.54
C ARG B 53 6.00 -14.12 -4.30
N GLU B 54 5.67 -15.21 -4.99
CA GLU B 54 6.64 -15.86 -5.82
C GLU B 54 6.68 -15.14 -7.13
N ASP B 55 7.86 -15.13 -7.73
CA ASP B 55 8.00 -14.73 -9.11
C ASP B 55 7.53 -13.32 -9.31
N VAL B 56 8.21 -12.40 -8.67
CA VAL B 56 7.96 -10.99 -8.86
C VAL B 56 9.32 -10.35 -8.91
N VAL B 57 9.47 -9.34 -9.78
CA VAL B 57 10.69 -8.59 -9.90
C VAL B 57 10.27 -7.13 -9.93
N ILE B 58 10.87 -6.32 -9.06
CA ILE B 58 10.73 -4.86 -9.18
C ILE B 58 12.07 -4.21 -9.60
N HIS B 59 12.00 -3.27 -10.54
CA HIS B 59 13.16 -2.52 -11.01
C HIS B 59 12.95 -1.08 -10.55
N LEU B 60 13.88 -0.54 -9.79
CA LEU B 60 13.74 0.83 -9.36
C LEU B 60 14.78 1.61 -10.10
N VAL B 61 14.34 2.61 -10.84
CA VAL B 61 15.23 3.41 -11.63
C VAL B 61 15.34 4.75 -10.92
N LEU B 62 16.45 4.91 -10.21
CA LEU B 62 16.75 6.14 -9.47
C LEU B 62 17.45 7.09 -10.40
N GLU B 63 16.84 8.23 -10.68
CA GLU B 63 17.31 9.03 -11.81
C GLU B 63 18.15 10.24 -11.45
N SER B 64 17.76 10.94 -10.38
CA SER B 64 18.40 12.20 -9.96
C SER B 64 19.89 12.00 -9.62
N THR B 65 20.74 12.40 -10.57
CA THR B 65 22.17 12.04 -10.56
C THR B 65 23.12 13.07 -11.20
N ARG B 66 24.39 12.93 -10.82
CA ARG B 66 25.51 13.62 -11.47
C ARG B 66 26.00 12.88 -12.72
N ASP B 67 25.72 11.58 -12.82
CA ASP B 67 26.14 10.81 -13.99
C ASP B 67 25.04 9.86 -14.53
N TYR B 68 25.09 8.59 -14.12
CA TYR B 68 24.15 7.60 -14.62
C TYR B 68 23.13 7.31 -13.56
N SER B 69 21.93 6.92 -14.01
CA SER B 69 20.90 6.48 -13.08
C SER B 69 21.23 5.06 -12.62
N ARG B 70 20.78 4.73 -11.42
CA ARG B 70 20.99 3.39 -10.91
C ARG B 70 19.69 2.63 -11.04
N THR B 71 19.75 1.47 -11.68
CA THR B 71 18.60 0.59 -11.79
C THR B 71 18.77 -0.55 -10.81
N ILE B 72 17.96 -0.51 -9.76
CA ILE B 72 18.03 -1.49 -8.66
C ILE B 72 16.97 -2.59 -8.85
N THR B 73 17.42 -3.82 -9.13
CA THR B 73 16.53 -4.93 -9.38
C THR B 73 16.45 -5.90 -8.21
N VAL B 74 15.27 -5.93 -7.58
CA VAL B 74 14.93 -6.83 -6.49
C VAL B 74 14.07 -8.03 -6.99
N GLU B 75 14.46 -9.24 -6.61
CA GLU B 75 13.75 -10.45 -7.05
C GLU B 75 13.18 -11.24 -5.89
N ALA B 76 11.86 -11.37 -5.83
CA ALA B 76 11.25 -12.04 -4.68
C ALA B 76 11.79 -13.45 -4.48
N ASN B 77 12.23 -14.09 -5.56
CA ASN B 77 12.69 -15.47 -5.49
C ASN B 77 13.99 -15.70 -4.71
N GLU B 78 15.01 -14.86 -4.95
CA GLU B 78 16.31 -15.00 -4.24
C GLU B 78 16.61 -14.06 -3.09
N ILE B 79 15.68 -13.19 -2.72
CA ILE B 79 15.98 -12.20 -1.69
C ILE B 79 15.78 -12.73 -0.26
N SER B 80 16.49 -13.81 0.06
CA SER B 80 16.48 -14.39 1.42
C SER B 80 17.27 -13.52 2.41
N GLY B 84 12.40 -6.62 7.55
CA GLY B 84 10.94 -6.57 7.50
C GLY B 84 10.39 -5.66 6.40
N PHE B 85 9.10 -5.36 6.47
CA PHE B 85 8.43 -4.60 5.41
C PHE B 85 8.16 -3.12 5.73
N HIS B 86 8.76 -2.63 6.80
CA HIS B 86 8.58 -1.25 7.19
C HIS B 86 9.51 -0.35 6.37
N GLU B 87 9.21 0.94 6.38
CA GLU B 87 9.94 1.93 5.58
C GLU B 87 11.45 1.91 5.74
N ALA B 88 11.95 1.76 6.96
CA ALA B 88 13.39 1.82 7.21
C ALA B 88 14.15 0.59 6.71
N ALA B 89 13.57 -0.61 6.88
CA ALA B 89 14.20 -1.87 6.48
C ALA B 89 14.35 -2.08 4.96
N LEU B 90 13.35 -1.62 4.20
CA LEU B 90 13.38 -1.72 2.73
C LEU B 90 14.20 -0.60 2.09
N ILE B 91 14.00 0.64 2.57
CA ILE B 91 14.89 1.77 2.26
C ILE B 91 16.37 1.40 2.51
N ALA B 92 16.62 0.56 3.52
CA ALA B 92 17.98 0.07 3.84
C ALA B 92 18.54 -0.82 2.76
N LEU B 93 17.69 -1.69 2.21
CA LEU B 93 18.07 -2.57 1.10
C LEU B 93 18.55 -1.73 -0.06
N LEU B 94 17.93 -0.57 -0.21
CA LEU B 94 18.30 0.36 -1.27
C LEU B 94 19.67 0.96 -1.00
N VAL B 95 19.83 1.62 0.16
CA VAL B 95 21.11 2.26 0.51
C VAL B 95 22.25 1.28 0.29
N LYS B 96 22.06 0.03 0.73
CA LYS B 96 23.07 -1.00 0.55
C LYS B 96 23.48 -1.10 -0.91
N ALA B 97 22.49 -1.17 -1.80
CA ALA B 97 22.76 -1.35 -3.23
C ALA B 97 23.33 -0.09 -3.87
N LEU B 98 22.90 1.04 -3.34
CA LEU B 98 23.41 2.34 -3.77
C LEU B 98 24.91 2.50 -3.38
N ASP B 99 25.26 2.10 -2.15
CA ASP B 99 26.65 2.13 -1.68
C ASP B 99 27.52 1.23 -2.55
N ALA B 100 26.97 0.12 -3.03
CA ALA B 100 27.75 -0.80 -3.84
C ALA B 100 27.87 -0.34 -5.28
N SER B 101 27.17 0.73 -5.62
CA SER B 101 27.16 1.21 -6.99
C SER B 101 28.16 2.31 -7.24
N VAL B 102 28.68 2.90 -6.16
CA VAL B 102 29.57 4.05 -6.28
C VAL B 102 30.77 3.75 -7.17
N GLY B 103 31.06 4.68 -8.07
CA GLY B 103 32.16 4.55 -9.02
C GLY B 103 31.94 3.69 -10.26
N MSE B 104 30.71 3.21 -10.46
CA MSE B 104 30.36 2.48 -11.69
C MSE B 104 30.42 3.43 -12.89
O MSE B 104 30.12 4.61 -12.76
CB MSE B 104 28.96 1.89 -11.60
CG MSE B 104 28.78 0.83 -10.55
SE MSE B 104 26.99 -0.02 -10.59
CE MSE B 104 27.37 -1.26 -12.06
N GLY B 105 30.84 2.89 -14.03
CA GLY B 105 30.72 3.59 -15.30
C GLY B 105 29.46 3.13 -16.02
N LYS B 106 29.27 3.57 -17.27
CA LYS B 106 28.03 3.28 -18.03
C LYS B 106 27.90 1.80 -18.40
N GLU B 107 26.64 1.33 -18.49
CA GLU B 107 26.34 0.00 -19.04
C GLU B 107 27.00 -1.13 -18.20
N GLN B 108 26.81 -1.04 -16.89
CA GLN B 108 27.51 -1.94 -15.98
C GLN B 108 26.55 -2.61 -15.01
N THR B 109 27.00 -3.76 -14.50
CA THR B 109 26.20 -4.61 -13.62
C THR B 109 26.97 -5.04 -12.37
N ARG B 110 26.33 -4.94 -11.22
CA ARG B 110 26.97 -5.33 -9.96
C ARG B 110 26.01 -6.09 -9.05
N VAL B 111 26.30 -7.37 -8.85
CA VAL B 111 25.59 -8.20 -7.88
C VAL B 111 25.77 -7.58 -6.50
N VAL B 112 24.70 -7.32 -5.79
CA VAL B 112 24.87 -6.83 -4.43
C VAL B 112 24.81 -8.00 -3.42
N GLN B 113 23.69 -8.71 -3.43
CA GLN B 113 23.47 -9.95 -2.66
C GLN B 113 22.46 -10.74 -3.47
N PRO B 114 22.19 -12.00 -3.09
CA PRO B 114 21.23 -12.84 -3.82
C PRO B 114 19.92 -12.12 -4.20
N GLY B 115 19.65 -12.05 -5.51
CA GLY B 115 18.47 -11.34 -6.03
C GLY B 115 18.42 -9.82 -5.80
N LEU B 116 19.57 -9.18 -5.58
CA LEU B 116 19.66 -7.73 -5.56
C LEU B 116 20.80 -7.31 -6.46
N THR B 117 20.47 -6.49 -7.46
CA THR B 117 21.45 -6.06 -8.47
C THR B 117 21.31 -4.56 -8.71
N VAL B 118 22.43 -3.93 -9.06
CA VAL B 118 22.44 -2.54 -9.49
C VAL B 118 23.13 -2.45 -10.85
N ARG B 119 22.62 -1.56 -11.70
CA ARG B 119 23.00 -1.45 -13.10
C ARG B 119 22.91 -0.01 -13.58
N THR B 120 23.94 0.41 -14.30
CA THR B 120 23.95 1.75 -14.86
C THR B 120 23.31 1.66 -16.24
N ILE B 121 22.03 1.34 -16.24
CA ILE B 121 21.28 1.20 -17.48
C ILE B 121 20.21 2.25 -17.45
N SER B 122 20.04 2.92 -18.59
CA SER B 122 18.98 3.91 -18.78
C SER B 122 17.62 3.25 -18.60
N PHE B 123 16.65 4.05 -18.16
CA PHE B 123 15.24 3.63 -18.20
C PHE B 123 14.84 3.10 -19.59
N GLU B 124 15.12 3.89 -20.61
CA GLU B 124 14.79 3.55 -21.98
C GLU B 124 15.52 2.31 -22.48
N ALA B 125 16.75 2.13 -22.03
CA ALA B 125 17.52 0.97 -22.43
C ALA B 125 16.94 -0.25 -21.75
N LEU B 126 16.57 -0.10 -20.48
CA LEU B 126 15.97 -1.19 -19.71
C LEU B 126 14.66 -1.65 -20.34
N LEU B 127 13.81 -0.70 -20.71
CA LEU B 127 12.59 -1.01 -21.47
C LEU B 127 12.89 -1.82 -22.71
N GLY B 128 13.91 -1.39 -23.45
CA GLY B 128 14.41 -2.11 -24.60
C GLY B 128 14.57 -3.59 -24.34
N GLU B 129 15.08 -3.94 -23.16
CA GLU B 129 15.40 -5.34 -22.88
C GLU B 129 14.15 -6.07 -22.44
N LEU B 130 13.30 -5.41 -21.68
CA LEU B 130 12.06 -6.02 -21.21
C LEU B 130 11.06 -6.13 -22.35
N ALA B 131 11.19 -5.27 -23.37
CA ALA B 131 10.22 -5.23 -24.46
C ALA B 131 10.15 -6.51 -25.26
N GLU B 132 11.21 -7.32 -25.18
CA GLU B 132 11.40 -8.49 -26.01
C GLU B 132 10.45 -9.61 -25.65
N HIS B 133 10.46 -10.00 -24.37
CA HIS B 133 9.65 -11.11 -23.93
C HIS B 133 8.68 -10.74 -22.82
N HIS B 134 8.46 -9.45 -22.59
CA HIS B 134 7.44 -9.02 -21.63
C HIS B 134 6.31 -8.23 -22.28
N SER B 135 5.11 -8.33 -21.73
CA SER B 135 4.01 -7.45 -22.11
C SER B 135 4.06 -6.16 -21.28
N LEU B 136 4.40 -5.04 -21.91
CA LEU B 136 4.63 -3.77 -21.25
C LEU B 136 3.36 -2.94 -21.10
N TYR B 137 3.17 -2.36 -19.91
CA TYR B 137 1.98 -1.53 -19.64
C TYR B 137 2.37 -0.25 -18.92
N MSE B 138 1.64 0.81 -19.21
CA MSE B 138 1.85 2.04 -18.50
C MSE B 138 0.52 2.58 -18.00
O MSE B 138 -0.53 2.15 -18.47
CB MSE B 138 2.56 3.04 -19.38
CG MSE B 138 1.73 3.57 -20.53
SE MSE B 138 2.74 4.90 -21.58
CE MSE B 138 3.26 6.16 -20.13
N MSE B 139 0.57 3.50 -17.07
CA MSE B 139 -0.64 4.02 -16.45
C MSE B 139 -1.15 5.21 -17.22
O MSE B 139 -0.39 6.12 -17.55
CB MSE B 139 -0.37 4.41 -15.00
CG MSE B 139 0.23 3.29 -14.19
SE MSE B 139 -0.90 1.69 -14.08
CE MSE B 139 -2.53 2.65 -13.68
N ASP B 140 -2.45 5.20 -17.52
CA ASP B 140 -3.07 6.30 -18.22
C ASP B 140 -4.52 6.37 -17.86
N LYS B 141 -4.94 7.49 -17.27
CA LYS B 141 -6.32 7.63 -16.77
C LYS B 141 -7.31 7.42 -17.91
N LYS B 142 -6.82 7.60 -19.13
CA LYS B 142 -7.55 7.50 -20.39
C LYS B 142 -7.27 6.18 -21.12
N GLY B 143 -6.47 5.30 -20.52
CA GLY B 143 -6.28 3.95 -21.05
C GLY B 143 -7.50 3.11 -20.72
N ASP B 144 -7.51 1.87 -21.21
CA ASP B 144 -8.62 0.99 -20.96
C ASP B 144 -8.55 0.47 -19.54
N SER B 145 -9.70 0.36 -18.88
CA SER B 145 -9.75 -0.29 -17.58
C SER B 145 -9.02 -1.62 -17.63
N ILE B 146 -8.31 -1.94 -16.55
CA ILE B 146 -7.51 -3.17 -16.50
C ILE B 146 -8.40 -4.39 -16.38
N ARG B 147 -9.61 -4.19 -15.88
CA ARG B 147 -10.59 -5.25 -15.75
C ARG B 147 -11.18 -5.64 -17.11
N ASP B 148 -11.00 -4.77 -18.11
CA ASP B 148 -11.52 -4.99 -19.48
C ASP B 148 -10.50 -5.49 -20.50
N ILE B 149 -9.27 -5.77 -20.06
CA ILE B 149 -8.28 -6.35 -20.97
C ILE B 149 -7.90 -7.75 -20.53
N LYS B 150 -7.29 -8.50 -21.43
CA LYS B 150 -6.66 -9.76 -21.04
C LYS B 150 -5.22 -9.39 -20.85
N ILE B 151 -4.76 -9.45 -19.59
CA ILE B 151 -3.39 -9.06 -19.26
C ILE B 151 -2.46 -10.07 -19.87
N GLY B 152 -1.51 -9.57 -20.64
CA GLY B 152 -0.48 -10.41 -21.27
C GLY B 152 0.29 -11.32 -20.32
N PRO B 153 1.01 -12.32 -20.87
CA PRO B 153 1.91 -13.09 -20.03
C PRO B 153 3.22 -12.31 -19.78
N ASN B 154 3.92 -12.66 -18.69
CA ASN B 154 5.07 -11.93 -18.21
C ASN B 154 4.83 -10.41 -18.27
N PRO B 155 3.76 -9.93 -17.60
CA PRO B 155 3.48 -8.51 -17.73
C PRO B 155 4.46 -7.63 -16.93
N CYS B 156 4.67 -6.40 -17.38
CA CYS B 156 5.57 -5.48 -16.73
C CYS B 156 4.99 -4.08 -16.69
N PHE B 157 4.82 -3.53 -15.49
CA PHE B 157 4.07 -2.29 -15.30
C PHE B 157 4.97 -1.11 -14.96
N ILE B 158 4.87 -0.08 -15.80
CA ILE B 158 5.61 1.14 -15.62
C ILE B 158 4.78 2.03 -14.72
N LEU B 159 5.39 2.41 -13.61
CA LEU B 159 4.79 3.37 -12.68
C LEU B 159 5.75 4.53 -12.57
N THR B 160 5.23 5.74 -12.61
CA THR B 160 6.09 6.90 -12.37
C THR B 160 5.80 7.49 -11.00
N ASP B 161 6.83 8.02 -10.34
CA ASP B 161 6.65 8.74 -9.06
C ASP B 161 5.84 10.05 -9.25
N HIS B 162 5.33 10.25 -10.47
CA HIS B 162 4.69 11.51 -10.90
C HIS B 162 3.18 11.37 -11.03
N ASN B 171 6.32 7.84 -31.12
CA ASN B 171 6.35 7.49 -29.70
C ASN B 171 7.30 6.32 -29.33
N SER B 172 8.46 6.69 -28.76
CA SER B 172 9.39 5.76 -28.10
C SER B 172 8.68 4.64 -27.31
N MSE B 173 7.59 4.98 -26.64
CA MSE B 173 6.79 3.99 -25.93
C MSE B 173 5.98 3.09 -26.85
O MSE B 173 5.91 1.87 -26.63
CB MSE B 173 5.84 4.67 -24.95
CG MSE B 173 6.53 5.42 -23.82
SE MSE B 173 7.19 4.28 -22.36
CE MSE B 173 6.98 5.60 -20.92
N LYS B 174 5.35 3.68 -27.86
CA LYS B 174 4.48 2.90 -28.75
C LYS B 174 5.31 1.97 -29.63
N ARG B 175 6.48 2.45 -30.03
CA ARG B 175 7.45 1.61 -30.70
C ARG B 175 7.70 0.31 -29.96
N LEU B 176 7.88 0.41 -28.64
CA LEU B 176 8.23 -0.72 -27.80
C LEU B 176 7.04 -1.61 -27.47
N GLY B 177 5.86 -1.26 -27.96
CA GLY B 177 4.65 -2.04 -27.68
C GLY B 177 4.01 -1.75 -26.34
N VAL B 178 4.23 -0.54 -25.80
CA VAL B 178 3.68 -0.17 -24.49
C VAL B 178 2.21 0.19 -24.61
N GLU B 179 1.36 -0.56 -23.93
CA GLU B 179 -0.07 -0.31 -23.97
C GLU B 179 -0.49 0.48 -22.73
N LYS B 180 -1.33 1.48 -22.91
CA LYS B 180 -1.91 2.23 -21.79
C LYS B 180 -3.05 1.47 -21.10
N ILE B 181 -3.04 1.44 -19.76
CA ILE B 181 -4.23 1.03 -18.99
C ILE B 181 -4.58 1.95 -17.82
N SER B 182 -5.79 1.79 -17.30
CA SER B 182 -6.32 2.57 -16.18
C SER B 182 -6.77 1.64 -15.04
N LEU B 183 -6.58 2.05 -13.78
CA LEU B 183 -7.03 1.21 -12.66
C LEU B 183 -8.30 1.74 -12.01
N GLY B 184 -8.62 2.99 -12.33
CA GLY B 184 -9.85 3.56 -11.85
C GLY B 184 -9.94 5.04 -12.08
N PRO B 185 -11.03 5.66 -11.59
CA PRO B 185 -11.34 7.07 -11.71
C PRO B 185 -10.35 7.98 -10.99
N LYS B 186 -9.76 7.53 -9.89
CA LYS B 186 -8.93 8.43 -9.06
C LYS B 186 -7.43 8.33 -9.33
N MSE B 187 -6.69 9.41 -9.02
CA MSE B 187 -5.24 9.40 -9.10
C MSE B 187 -4.70 8.73 -7.84
O MSE B 187 -5.11 9.06 -6.73
CB MSE B 187 -4.68 10.82 -9.24
CG MSE B 187 -4.92 11.45 -10.61
SE MSE B 187 -4.13 10.40 -12.12
CE MSE B 187 -2.21 10.53 -11.66
N LEU B 188 -3.74 7.83 -8.01
CA LEU B 188 -3.24 7.01 -6.91
C LEU B 188 -1.74 7.05 -6.80
N PHE B 189 -1.25 6.81 -5.58
CA PHE B 189 0.15 6.57 -5.36
C PHE B 189 0.60 5.34 -6.17
N ALA B 190 1.82 5.39 -6.67
CA ALA B 190 2.42 4.26 -7.33
C ALA B 190 2.29 3.03 -6.45
N SER B 191 2.48 3.20 -5.15
CA SER B 191 2.37 2.06 -4.22
C SER B 191 0.97 1.45 -4.27
N GLN B 192 -0.05 2.28 -4.46
CA GLN B 192 -1.43 1.80 -4.48
C GLN B 192 -1.75 1.10 -5.83
N CYS B 193 -1.21 1.66 -6.90
CA CYS B 193 -1.22 1.00 -8.20
C CYS B 193 -0.70 -0.41 -8.15
N VAL B 194 0.37 -0.63 -7.39
CA VAL B 194 0.94 -1.99 -7.30
C VAL B 194 -0.09 -3.02 -6.78
N THR B 195 -0.74 -2.69 -5.68
CA THR B 195 -1.72 -3.57 -5.03
C THR B 195 -2.87 -3.91 -5.96
N LEU B 196 -3.29 -2.92 -6.73
CA LEU B 196 -4.40 -3.02 -7.68
C LEU B 196 -4.02 -3.94 -8.86
N ILE B 197 -2.87 -3.67 -9.49
CA ILE B 197 -2.30 -4.51 -10.53
C ILE B 197 -2.26 -5.96 -9.99
N HIS B 198 -1.58 -6.16 -8.86
CA HIS B 198 -1.44 -7.51 -8.33
C HIS B 198 -2.79 -8.19 -8.20
N ASN B 199 -3.79 -7.43 -7.75
CA ASN B 199 -5.08 -7.98 -7.40
C ASN B 199 -5.83 -8.45 -8.64
N GLU B 200 -5.76 -7.66 -9.72
CA GLU B 200 -6.38 -7.99 -10.96
C GLU B 200 -5.74 -9.21 -11.62
N ILE B 201 -4.44 -9.42 -11.42
CA ILE B 201 -3.79 -10.58 -12.02
C ILE B 201 -4.16 -11.76 -11.15
N ASP B 202 -4.26 -11.54 -9.85
CA ASP B 202 -4.69 -12.60 -8.94
C ASP B 202 -6.09 -13.09 -9.34
N HIS B 203 -6.95 -12.17 -9.77
CA HIS B 203 -8.32 -12.50 -10.18
C HIS B 203 -8.29 -13.29 -11.47
N GLN B 204 -7.89 -12.63 -12.56
CA GLN B 204 -7.64 -13.28 -13.85
C GLN B 204 -6.98 -14.67 -13.74
N GLU B 205 -5.89 -14.82 -13.00
CA GLU B 205 -5.32 -16.15 -12.77
C GLU B 205 -6.26 -17.12 -12.08
N ALA B 206 -7.03 -16.66 -11.11
CA ALA B 206 -7.90 -17.54 -10.33
C ALA B 206 -9.18 -17.84 -11.10
N GLY B 207 -9.46 -17.00 -12.09
CA GLY B 207 -10.65 -17.10 -12.92
C GLY B 207 -11.90 -16.44 -12.35
N TRP B 208 -11.79 -15.83 -11.17
CA TRP B 208 -12.92 -15.14 -10.57
C TRP B 208 -12.54 -13.77 -10.04
C ACY C . -9.36 -11.43 1.65
O ACY C . -8.29 -10.82 1.92
OXT ACY C . -10.30 -10.91 1.02
CH3 ACY C . -9.49 -12.86 2.08
C ACY D . -4.20 5.72 -12.53
O ACY D . -5.31 5.09 -12.46
OXT ACY D . -3.45 5.71 -13.54
CH3 ACY D . -3.73 6.54 -11.34
#